data_3B0Y
#
_entry.id   3B0Y
#
_cell.length_a   68.942
_cell.length_b   53.224
_cell.length_c   84.864
_cell.angle_alpha   90.000
_cell.angle_beta   107.650
_cell.angle_gamma   90.000
#
_symmetry.space_group_name_H-M   'P 1 21 1'
#
loop_
_entity.id
_entity.type
_entity.pdbx_description
1 polymer 'DNA polymerase beta family (X family)'
2 non-polymer "2'-DEOXYGUANOSINE-5'-TRIPHOSPHATE"
3 non-polymer 'ZINC ION'
4 non-polymer 'CALCIUM ION'
5 non-polymer 'CHLORIDE ION'
6 water water
#
_entity_poly.entity_id   1
_entity_poly.type   'polypeptide(L)'
_entity_poly.pdbx_seq_one_letter_code
;MRNQELARIFEEIGLMSEFLGDNPFRVRAYHQAARTLYDLDTPIEEIAEKGKEALMELPGVGPDLAEKILEFLRTGKVRK
HEELSRKVPRGVLEVMEVPGVGPKTARLLYEGLGIDSLEKLKAALDRGDLTRLKGFGPKRAERIREGLALAQAAGKRRPL
GAVLSLARSLLEAIRALPGVERAELCGSARRYKDTVGDLDFLVASREGERAVEGFVRLPQVKEVYAKGKERATVFLKNGL
QVDLRVVPPESYGAGLQYLTGSDAHSIRLRALAQEKGLKLSEYGVFRGEKRIAGETEEEVYAALGLPWIPPPLREDQGEV
EAALEGRLPKLLELPQVKGDLQVHSTYSDGQNTLEELWEAAKTMGYRYLAVTDHSPAVRVAGGPSPEEALKRVGEIRRFN
ETHGPPYLLAGAEVDIHPDGTLDYPDWVLRELDLVLVSVHSRFNLPKADQTKRLLKALENPFVHVLAHPTARLLGRRAPI
EADWEAVFQKAKEKGVAVEIDGYYDRMDLPDDLARMAYGMGLWISLSTDAHQTDHLRFMELAVGTAQRAWIGPERVLNTL
DYEDLLSWLKARRGV
;
_entity_poly.pdbx_strand_id   A
#
loop_
_chem_comp.id
_chem_comp.type
_chem_comp.name
_chem_comp.formula
CA non-polymer 'CALCIUM ION' 'Ca 2'
CL non-polymer 'CHLORIDE ION' 'Cl -1'
DGT non-polymer 2'-DEOXYGUANOSINE-5'-TRIPHOSPHATE 'C10 H16 N5 O13 P3'
ZN non-polymer 'ZINC ION' 'Zn 2'
#
# COMPACT_ATOMS: atom_id res chain seq x y z
N MET A 1 -10.66 21.10 5.67
CA MET A 1 -11.23 21.93 4.55
C MET A 1 -12.31 21.19 3.78
N ARG A 2 -13.39 21.89 3.45
CA ARG A 2 -14.47 21.31 2.67
C ARG A 2 -14.36 21.66 1.17
N ASN A 3 -13.27 22.33 0.79
CA ASN A 3 -13.06 22.80 -0.58
C ASN A 3 -13.25 21.74 -1.66
N GLN A 4 -12.58 20.60 -1.52
CA GLN A 4 -12.73 19.51 -2.49
C GLN A 4 -14.12 18.91 -2.50
N GLU A 5 -14.74 18.76 -1.32
CA GLU A 5 -16.08 18.20 -1.22
C GLU A 5 -17.06 19.11 -1.98
N LEU A 6 -16.89 20.41 -1.81
CA LEU A 6 -17.76 21.39 -2.48
C LEU A 6 -17.48 21.45 -3.97
N ALA A 7 -16.20 21.33 -4.35
CA ALA A 7 -15.83 21.27 -5.75
C ALA A 7 -16.56 20.12 -6.43
N ARG A 8 -16.57 18.95 -5.80
CA ARG A 8 -17.24 17.76 -6.32
C ARG A 8 -18.74 17.97 -6.49
N ILE A 9 -19.39 18.58 -5.50
CA ILE A 9 -20.83 18.74 -5.59
C ILE A 9 -21.19 19.63 -6.79
N PHE A 10 -20.51 20.78 -6.89
CA PHE A 10 -20.70 21.68 -8.05
C PHE A 10 -20.44 20.98 -9.40
N GLU A 11 -19.34 20.23 -9.49
CA GLU A 11 -19.02 19.46 -10.68
C GLU A 11 -20.16 18.50 -11.05
N GLU A 12 -20.68 17.78 -10.04
CA GLU A 12 -21.74 16.83 -10.24
C GLU A 12 -23.02 17.50 -10.71
N ILE A 13 -23.33 18.66 -10.13
CA ILE A 13 -24.46 19.46 -10.57
C ILE A 13 -24.26 19.82 -12.03
N GLY A 14 -23.04 20.24 -12.40
CA GLY A 14 -22.71 20.51 -13.80
C GLY A 14 -23.01 19.35 -14.72
N LEU A 15 -22.55 18.15 -14.34
CA LEU A 15 -22.76 16.95 -15.13
C LEU A 15 -24.24 16.61 -15.23
N MET A 16 -24.92 16.67 -14.09
CA MET A 16 -26.35 16.33 -14.03
C MET A 16 -27.21 17.35 -14.77
N SER A 17 -26.86 18.62 -14.63
CA SER A 17 -27.49 19.69 -15.39
C SER A 17 -27.40 19.49 -16.91
N GLU A 18 -26.20 19.19 -17.41
CA GLU A 18 -26.00 18.94 -18.84
C GLU A 18 -26.72 17.67 -19.30
N PHE A 19 -26.70 16.65 -18.44
CA PHE A 19 -27.42 15.40 -18.68
C PHE A 19 -28.89 15.73 -18.93
N LEU A 20 -29.45 16.54 -18.03
CA LEU A 20 -30.83 17.01 -18.13
C LEU A 20 -31.04 18.08 -19.20
N GLY A 21 -29.95 18.61 -19.77
CA GLY A 21 -30.02 19.60 -20.84
C GLY A 21 -30.36 21.02 -20.39
N ASP A 22 -29.73 21.46 -19.30
CA ASP A 22 -29.87 22.82 -18.78
C ASP A 22 -29.10 23.81 -19.65
N ASN A 23 -29.29 25.11 -19.40
CA ASN A 23 -28.57 26.18 -20.13
C ASN A 23 -27.06 25.95 -20.11
N PRO A 24 -26.44 25.76 -21.29
CA PRO A 24 -25.00 25.51 -21.37
C PRO A 24 -24.16 26.57 -20.64
N PHE A 25 -24.71 27.78 -20.51
CA PHE A 25 -24.08 28.85 -19.72
C PHE A 25 -23.96 28.44 -18.25
N ARG A 26 -25.05 27.89 -17.69
CA ARG A 26 -25.07 27.39 -16.31
C ARG A 26 -24.16 26.19 -16.12
N VAL A 27 -24.25 25.21 -17.02
CA VAL A 27 -23.38 24.03 -17.00
C VAL A 27 -21.91 24.45 -16.90
N ARG A 28 -21.47 25.36 -17.77
CA ARG A 28 -20.08 25.83 -17.76
C ARG A 28 -19.78 26.59 -16.45
N ALA A 29 -20.77 27.36 -15.96
CA ALA A 29 -20.63 28.11 -14.69
C ALA A 29 -20.32 27.18 -13.50
N TYR A 30 -21.03 26.07 -13.39
CA TYR A 30 -20.80 25.12 -12.29
C TYR A 30 -19.40 24.53 -12.37
N HIS A 31 -18.97 24.18 -13.57
CA HIS A 31 -17.63 23.65 -13.77
C HIS A 31 -16.54 24.66 -13.44
N GLN A 32 -16.79 25.94 -13.75
CA GLN A 32 -15.82 26.98 -13.40
C GLN A 32 -15.77 27.18 -11.88
N ALA A 33 -16.94 27.03 -11.23
CA ALA A 33 -17.01 27.13 -9.77
C ALA A 33 -16.21 26.00 -9.15
N ALA A 34 -16.35 24.79 -9.71
CA ALA A 34 -15.61 23.62 -9.27
C ALA A 34 -14.09 23.84 -9.37
N ARG A 35 -13.61 24.36 -10.52
CA ARG A 35 -12.18 24.63 -10.69
C ARG A 35 -11.67 25.60 -9.64
N THR A 36 -12.41 26.69 -9.44
CA THR A 36 -12.07 27.63 -8.41
C THR A 36 -11.91 26.98 -7.01
N LEU A 37 -12.85 26.12 -6.65
CA LEU A 37 -12.78 25.44 -5.35
C LEU A 37 -11.68 24.38 -5.29
N TYR A 38 -11.49 23.70 -6.41
CA TYR A 38 -10.38 22.75 -6.52
C TYR A 38 -9.03 23.45 -6.31
N ASP A 39 -8.87 24.64 -6.89
CA ASP A 39 -7.60 25.37 -6.81
C ASP A 39 -7.42 26.19 -5.52
N LEU A 40 -8.50 26.43 -4.79
CA LEU A 40 -8.44 27.34 -3.66
C LEU A 40 -7.71 26.68 -2.52
N ASP A 41 -6.65 27.34 -2.07
CA ASP A 41 -5.80 26.79 -1.01
C ASP A 41 -6.25 27.15 0.38
N THR A 42 -6.85 28.33 0.52
CA THR A 42 -7.37 28.76 1.83
C THR A 42 -8.78 28.15 2.03
N PRO A 43 -9.12 27.76 3.26
CA PRO A 43 -10.45 27.21 3.54
C PRO A 43 -11.60 28.09 3.04
N ILE A 44 -12.54 27.47 2.32
CA ILE A 44 -13.70 28.23 1.79
C ILE A 44 -14.48 28.89 2.95
N GLU A 45 -14.49 28.22 4.09
CA GLU A 45 -15.22 28.72 5.25
C GLU A 45 -14.69 30.08 5.71
N GLU A 46 -13.38 30.29 5.56
CA GLU A 46 -12.76 31.55 5.96
C GLU A 46 -13.21 32.74 5.10
N ILE A 47 -13.47 32.48 3.82
CA ILE A 47 -13.99 33.48 2.89
C ILE A 47 -15.50 33.68 3.09
N ALA A 48 -16.23 32.59 3.32
CA ALA A 48 -17.66 32.65 3.63
C ALA A 48 -17.99 33.45 4.90
N GLU A 49 -17.09 33.42 5.90
CA GLU A 49 -17.26 34.21 7.13
C GLU A 49 -17.21 35.71 6.88
N LYS A 50 -16.51 36.11 5.82
CA LYS A 50 -16.41 37.50 5.40
C LYS A 50 -17.65 38.00 4.65
N GLY A 51 -18.51 37.08 4.22
CA GLY A 51 -19.80 37.43 3.61
C GLY A 51 -20.04 37.00 2.17
N LYS A 52 -21.28 37.23 1.70
CA LYS A 52 -21.70 36.87 0.33
C LYS A 52 -20.88 37.60 -0.73
N GLU A 53 -20.61 38.89 -0.48
CA GLU A 53 -19.79 39.71 -1.38
C GLU A 53 -18.38 39.16 -1.56
N ALA A 54 -17.76 38.76 -0.46
CA ALA A 54 -16.40 38.21 -0.48
C ALA A 54 -16.32 36.90 -1.26
N LEU A 55 -17.34 36.04 -1.10
CA LEU A 55 -17.45 34.82 -1.91
C LEU A 55 -17.51 35.17 -3.39
N MET A 56 -18.22 36.25 -3.71
CA MET A 56 -18.36 36.71 -5.09
C MET A 56 -17.07 37.29 -5.71
N GLU A 57 -16.06 37.56 -4.88
CA GLU A 57 -14.74 37.98 -5.37
C GLU A 57 -14.00 36.83 -6.05
N LEU A 58 -14.38 35.61 -5.70
CA LEU A 58 -13.75 34.42 -6.28
C LEU A 58 -14.09 34.27 -7.75
N PRO A 59 -13.08 33.92 -8.58
CA PRO A 59 -13.39 33.64 -9.97
C PRO A 59 -14.53 32.63 -10.10
N GLY A 60 -15.54 32.96 -10.89
CA GLY A 60 -16.64 32.03 -11.20
C GLY A 60 -17.83 32.03 -10.24
N VAL A 61 -17.69 32.67 -9.09
CA VAL A 61 -18.76 32.66 -8.10
C VAL A 61 -19.60 33.94 -8.14
N GLY A 62 -20.85 33.79 -8.54
CA GLY A 62 -21.85 34.87 -8.50
C GLY A 62 -22.89 34.63 -7.42
N PRO A 63 -23.98 35.44 -7.41
CA PRO A 63 -24.95 35.42 -6.30
C PRO A 63 -25.53 34.02 -6.05
N ASP A 64 -25.92 33.35 -7.14
CA ASP A 64 -26.48 32.00 -7.13
C ASP A 64 -25.56 30.99 -6.44
N LEU A 65 -24.28 30.99 -6.85
CA LEU A 65 -23.28 30.06 -6.34
C LEU A 65 -22.84 30.38 -4.89
N ALA A 66 -22.68 31.67 -4.59
CA ALA A 66 -22.34 32.14 -3.24
C ALA A 66 -23.36 31.70 -2.18
N GLU A 67 -24.64 31.69 -2.56
CA GLU A 67 -25.70 31.22 -1.68
C GLU A 67 -25.66 29.70 -1.48
N LYS A 68 -25.31 28.97 -2.54
CA LYS A 68 -25.15 27.51 -2.45
C LYS A 68 -23.96 27.12 -1.58
N ILE A 69 -22.94 27.99 -1.54
CA ILE A 69 -21.75 27.76 -0.73
C ILE A 69 -22.15 27.89 0.74
N LEU A 70 -22.85 28.97 1.06
CA LEU A 70 -23.36 29.21 2.42
C LEU A 70 -24.29 28.09 2.84
N GLU A 71 -25.24 27.72 1.97
CA GLU A 71 -26.12 26.58 2.22
C GLU A 71 -25.36 25.30 2.60
N PHE A 72 -24.31 24.97 1.84
CA PHE A 72 -23.50 23.78 2.12
C PHE A 72 -22.79 23.86 3.47
N LEU A 73 -22.29 25.05 3.80
CA LEU A 73 -21.53 25.25 5.02
C LEU A 73 -22.42 25.20 6.26
N ARG A 74 -23.69 25.57 6.07
CA ARG A 74 -24.66 25.64 7.16
C ARG A 74 -25.45 24.35 7.34
N THR A 75 -25.66 23.62 6.26
CA THR A 75 -26.53 22.44 6.31
C THR A 75 -25.78 21.13 6.02
N GLY A 76 -24.62 21.25 5.36
CA GLY A 76 -23.86 20.08 4.96
C GLY A 76 -24.29 19.51 3.61
N LYS A 77 -25.25 20.15 2.96
CA LYS A 77 -25.71 19.73 1.64
C LYS A 77 -26.19 20.90 0.79
N VAL A 78 -26.51 20.61 -0.47
CA VAL A 78 -26.99 21.61 -1.42
C VAL A 78 -28.26 21.07 -2.08
N ARG A 79 -29.38 21.72 -1.81
CA ARG A 79 -30.70 21.25 -2.26
C ARG A 79 -30.74 20.99 -3.77
N LYS A 80 -30.12 21.87 -4.55
CA LYS A 80 -30.02 21.69 -5.99
C LYS A 80 -29.36 20.35 -6.37
N HIS A 81 -28.30 19.98 -5.66
CA HIS A 81 -27.64 18.68 -5.85
C HIS A 81 -28.61 17.54 -5.54
N GLU A 82 -29.34 17.67 -4.42
CA GLU A 82 -30.30 16.66 -4.00
C GLU A 82 -31.46 16.54 -5.00
N GLU A 83 -31.84 17.66 -5.61
CA GLU A 83 -32.92 17.72 -6.60
C GLU A 83 -32.57 17.02 -7.91
N LEU A 84 -31.36 17.27 -8.39
CA LEU A 84 -30.90 16.62 -9.61
C LEU A 84 -30.61 15.16 -9.33
N SER A 85 -30.26 14.86 -8.07
CA SER A 85 -30.03 13.49 -7.62
C SER A 85 -31.32 12.66 -7.61
N ARG A 86 -32.46 13.33 -7.51
CA ARG A 86 -33.76 12.67 -7.62
C ARG A 86 -34.09 12.34 -9.07
N LYS A 87 -33.71 13.25 -9.99
CA LYS A 87 -33.90 13.01 -11.43
C LYS A 87 -32.81 12.11 -12.02
N VAL A 88 -31.66 12.06 -11.36
CA VAL A 88 -30.51 11.31 -11.87
C VAL A 88 -30.09 10.21 -10.89
N PRO A 89 -30.41 8.94 -11.22
CA PRO A 89 -29.91 7.75 -10.48
C PRO A 89 -28.38 7.73 -10.29
N ARG A 90 -27.89 6.72 -9.57
CA ARG A 90 -26.48 6.67 -9.20
C ARG A 90 -25.58 6.25 -10.37
N GLY A 91 -25.92 5.11 -10.99
CA GLY A 91 -25.11 4.55 -12.06
C GLY A 91 -25.22 5.28 -13.39
N VAL A 92 -26.30 6.03 -13.59
CA VAL A 92 -26.50 6.85 -14.79
C VAL A 92 -25.47 7.96 -14.75
N LEU A 93 -25.34 8.55 -13.57
CA LEU A 93 -24.26 9.49 -13.31
C LEU A 93 -22.91 8.79 -13.49
N GLU A 94 -22.80 7.58 -12.93
CA GLU A 94 -21.57 6.80 -13.03
C GLU A 94 -21.15 6.55 -14.46
N VAL A 95 -22.14 6.34 -15.34
CA VAL A 95 -21.87 6.12 -16.75
C VAL A 95 -21.30 7.38 -17.38
N MET A 96 -21.92 8.52 -17.12
CA MET A 96 -21.47 9.79 -17.71
C MET A 96 -20.04 10.16 -17.29
N GLU A 97 -19.65 9.72 -16.11
CA GLU A 97 -18.32 10.05 -15.60
C GLU A 97 -17.22 9.12 -16.11
N VAL A 98 -17.44 7.82 -15.97
CA VAL A 98 -16.49 6.82 -16.47
C VAL A 98 -15.56 7.54 -17.43
N PRO A 99 -14.28 7.76 -17.06
CA PRO A 99 -13.43 8.58 -17.95
C PRO A 99 -13.72 8.34 -19.43
N GLY A 100 -13.78 9.43 -20.19
CA GLY A 100 -14.05 9.33 -21.62
C GLY A 100 -15.53 9.33 -21.98
N VAL A 101 -16.40 9.49 -20.99
CA VAL A 101 -17.84 9.56 -21.29
C VAL A 101 -18.33 11.01 -21.15
N GLY A 102 -19.37 11.23 -20.36
CA GLY A 102 -20.02 12.54 -20.30
C GLY A 102 -21.52 12.47 -20.48
N PRO A 103 -22.22 13.55 -20.06
CA PRO A 103 -23.67 13.75 -19.92
C PRO A 103 -24.55 13.52 -21.16
N LYS A 104 -24.33 14.29 -22.23
CA LYS A 104 -25.19 14.16 -23.43
C LYS A 104 -25.12 12.76 -24.02
N THR A 105 -23.90 12.23 -24.07
CA THR A 105 -23.61 10.86 -24.48
C THR A 105 -24.39 9.89 -23.59
N ALA A 106 -24.13 9.99 -22.29
CA ALA A 106 -24.86 9.28 -21.24
C ALA A 106 -26.37 9.50 -21.27
N ARG A 107 -26.83 10.53 -21.98
CA ARG A 107 -28.27 10.78 -22.09
C ARG A 107 -28.86 9.93 -23.20
N LEU A 108 -28.15 9.82 -24.33
CA LEU A 108 -28.55 8.92 -25.39
C LEU A 108 -28.34 7.50 -24.90
N LEU A 109 -27.27 7.31 -24.13
CA LEU A 109 -27.02 6.06 -23.39
C LEU A 109 -28.18 5.71 -22.45
N TYR A 110 -28.67 6.71 -21.70
CA TYR A 110 -29.80 6.50 -20.80
C TYR A 110 -31.13 6.33 -21.56
N GLU A 111 -31.49 7.31 -22.38
CA GLU A 111 -32.72 7.24 -23.16
C GLU A 111 -32.70 6.14 -24.21
N GLY A 112 -31.60 6.06 -24.96
CA GLY A 112 -31.46 5.12 -26.08
C GLY A 112 -31.22 3.67 -25.69
N LEU A 113 -30.42 3.44 -24.67
CA LEU A 113 -30.04 2.06 -24.29
C LEU A 113 -30.63 1.54 -22.99
N GLY A 114 -30.98 2.45 -22.08
CA GLY A 114 -31.40 2.04 -20.75
C GLY A 114 -30.14 1.73 -19.98
N ILE A 115 -29.41 2.79 -19.67
CA ILE A 115 -28.18 2.70 -18.86
C ILE A 115 -28.20 3.73 -17.74
N ASP A 116 -28.43 3.25 -16.53
CA ASP A 116 -28.26 4.06 -15.33
C ASP A 116 -27.36 3.37 -14.28
N SER A 117 -26.46 2.53 -14.78
CA SER A 117 -25.37 1.88 -14.04
C SER A 117 -24.26 1.47 -15.02
N LEU A 118 -23.61 0.31 -14.86
CA LEU A 118 -22.33 0.04 -15.56
C LEU A 118 -22.22 -1.26 -16.35
N GLU A 119 -22.84 -2.31 -15.81
CA GLU A 119 -22.77 -3.64 -16.39
C GLU A 119 -23.24 -3.54 -17.85
N LYS A 120 -24.34 -2.81 -18.04
CA LYS A 120 -24.88 -2.59 -19.37
C LYS A 120 -23.84 -2.03 -20.33
N LEU A 121 -23.13 -0.97 -19.90
CA LEU A 121 -22.03 -0.39 -20.68
C LEU A 121 -21.11 -1.47 -21.18
N LYS A 122 -20.48 -2.16 -20.23
CA LYS A 122 -19.65 -3.32 -20.49
C LYS A 122 -20.28 -4.22 -21.55
N ALA A 123 -21.54 -4.56 -21.34
CA ALA A 123 -22.28 -5.44 -22.24
C ALA A 123 -22.25 -4.92 -23.68
N ALA A 124 -22.57 -3.62 -23.83
CA ALA A 124 -22.62 -2.94 -25.10
C ALA A 124 -21.25 -2.92 -25.77
N LEU A 125 -20.23 -2.52 -24.99
CA LEU A 125 -18.86 -2.55 -25.49
C LEU A 125 -18.45 -3.90 -26.08
N ASP A 126 -18.67 -4.99 -25.33
CA ASP A 126 -18.20 -6.31 -25.77
C ASP A 126 -18.94 -6.83 -27.01
N ARG A 127 -20.22 -6.47 -27.13
CA ARG A 127 -21.09 -6.93 -28.24
C ARG A 127 -20.97 -6.11 -29.52
N GLY A 128 -20.41 -4.91 -29.39
CA GLY A 128 -20.35 -3.95 -30.49
C GLY A 128 -21.58 -3.06 -30.64
N ASP A 129 -22.47 -3.08 -29.61
CA ASP A 129 -23.68 -2.30 -29.62
C ASP A 129 -23.36 -0.81 -29.87
N LEU A 130 -22.31 -0.30 -29.23
CA LEU A 130 -22.06 1.14 -29.26
C LEU A 130 -21.61 1.53 -30.66
N THR A 131 -21.02 0.56 -31.39
CA THR A 131 -20.71 0.73 -32.82
C THR A 131 -21.95 1.12 -33.64
N ARG A 132 -23.16 0.77 -33.15
CA ARG A 132 -24.46 1.26 -33.75
C ARG A 132 -25.27 2.32 -33.00
N LEU A 133 -24.94 2.62 -31.75
CA LEU A 133 -25.61 3.73 -31.05
C LEU A 133 -25.10 5.03 -31.65
N LYS A 134 -26.06 5.85 -32.11
CA LYS A 134 -25.81 7.16 -32.70
C LYS A 134 -24.81 7.98 -31.87
N GLY A 135 -23.68 8.33 -32.49
CA GLY A 135 -22.63 9.10 -31.84
C GLY A 135 -21.57 8.30 -31.08
N PHE A 136 -21.55 6.97 -31.26
CA PHE A 136 -20.57 6.10 -30.59
C PHE A 136 -19.75 5.24 -31.58
N GLY A 137 -18.73 5.87 -32.17
CA GLY A 137 -17.90 5.29 -33.26
C GLY A 137 -16.60 4.58 -32.92
N PRO A 138 -15.50 4.85 -33.67
CA PRO A 138 -14.28 3.99 -33.67
C PRO A 138 -13.32 4.14 -32.47
N LYS A 139 -12.36 5.08 -32.56
CA LYS A 139 -11.33 5.32 -31.53
C LYS A 139 -11.90 5.48 -30.10
N ARG A 140 -13.19 5.81 -30.03
CA ARG A 140 -13.90 5.96 -28.76
C ARG A 140 -14.44 4.63 -28.23
N ALA A 141 -14.45 3.60 -29.10
CA ALA A 141 -14.83 2.25 -28.68
C ALA A 141 -13.79 1.74 -27.68
N GLU A 142 -12.53 2.05 -27.98
CA GLU A 142 -11.42 1.80 -27.08
C GLU A 142 -11.66 2.57 -25.79
N ARG A 143 -11.45 3.89 -25.86
CA ARG A 143 -11.52 4.81 -24.72
C ARG A 143 -12.58 4.50 -23.65
N ILE A 144 -13.80 4.14 -24.05
CA ILE A 144 -14.86 3.97 -23.06
C ILE A 144 -14.68 2.72 -22.18
N ARG A 145 -14.31 1.60 -22.82
CA ARG A 145 -13.95 0.38 -22.10
C ARG A 145 -12.80 0.65 -21.13
N GLU A 146 -11.78 1.31 -21.65
CA GLU A 146 -10.60 1.71 -20.88
C GLU A 146 -11.01 2.56 -19.65
N GLY A 147 -11.84 3.58 -19.87
CA GLY A 147 -12.35 4.44 -18.79
C GLY A 147 -13.07 3.66 -17.74
N LEU A 148 -13.91 2.73 -18.20
CA LEU A 148 -14.65 1.83 -17.33
C LEU A 148 -13.72 1.04 -16.39
N ALA A 149 -12.67 0.46 -16.97
CA ALA A 149 -11.69 -0.29 -16.20
C ALA A 149 -11.06 0.58 -15.12
N LEU A 150 -10.81 1.84 -15.47
CA LEU A 150 -10.18 2.79 -14.54
C LEU A 150 -11.13 3.10 -13.40
N ALA A 151 -12.40 3.28 -13.72
CA ALA A 151 -13.44 3.56 -12.73
C ALA A 151 -13.58 2.41 -11.74
N GLN A 152 -13.61 1.18 -12.27
CA GLN A 152 -13.80 -0.01 -11.45
C GLN A 152 -12.60 -0.30 -10.53
N ALA A 153 -11.40 0.04 -11.00
CA ALA A 153 -10.21 -0.08 -10.15
C ALA A 153 -10.16 0.94 -9.01
N ALA A 154 -10.76 2.11 -9.19
CA ALA A 154 -10.61 3.18 -8.19
C ALA A 154 -11.23 2.85 -6.84
N GLY A 155 -12.22 1.95 -6.82
CA GLY A 155 -12.73 1.46 -5.54
C GLY A 155 -11.75 0.53 -4.83
N LYS A 156 -10.91 -0.14 -5.61
CA LYS A 156 -10.20 -1.34 -5.15
C LYS A 156 -8.78 -1.03 -4.65
N ARG A 157 -8.16 -2.02 -4.02
CA ARG A 157 -6.79 -1.88 -3.49
C ARG A 157 -5.90 -2.94 -4.14
N ARG A 158 -4.63 -2.64 -4.28
CA ARG A 158 -3.65 -3.59 -4.78
C ARG A 158 -2.59 -3.82 -3.71
N PRO A 159 -1.94 -4.98 -3.74
CA PRO A 159 -0.81 -5.19 -2.82
C PRO A 159 0.28 -4.13 -3.06
N LEU A 160 0.85 -3.63 -1.98
CA LEU A 160 1.91 -2.65 -2.11
C LEU A 160 3.03 -3.11 -3.08
N GLY A 161 3.48 -4.35 -2.95
CA GLY A 161 4.57 -4.83 -3.77
C GLY A 161 4.20 -5.03 -5.23
N ALA A 162 2.89 -5.03 -5.55
CA ALA A 162 2.48 -5.10 -6.94
C ALA A 162 2.70 -3.76 -7.65
N VAL A 163 2.76 -2.67 -6.87
CA VAL A 163 2.79 -1.33 -7.48
C VAL A 163 3.99 -0.51 -7.07
N LEU A 164 4.73 -0.89 -6.01
CA LEU A 164 5.80 -0.03 -5.50
C LEU A 164 6.87 0.24 -6.53
N SER A 165 7.37 -0.78 -7.21
CA SER A 165 8.41 -0.54 -8.21
C SER A 165 7.94 0.36 -9.36
N LEU A 166 6.67 0.20 -9.78
CA LEU A 166 6.10 0.99 -10.84
C LEU A 166 6.01 2.43 -10.34
N ALA A 167 5.58 2.62 -9.09
CA ALA A 167 5.49 3.94 -8.52
C ALA A 167 6.86 4.59 -8.51
N ARG A 168 7.88 3.82 -8.18
CA ARG A 168 9.25 4.39 -8.15
C ARG A 168 9.78 4.76 -9.53
N SER A 169 9.35 4.04 -10.57
CA SER A 169 9.73 4.44 -11.91
CA SER A 169 9.65 4.41 -11.95
C SER A 169 9.07 5.77 -12.27
N LEU A 170 7.80 5.97 -11.88
CA LEU A 170 7.20 7.27 -12.11
C LEU A 170 7.93 8.33 -11.27
N LEU A 171 8.30 7.99 -10.03
CA LEU A 171 9.03 8.93 -9.19
C LEU A 171 10.30 9.42 -9.88
N GLU A 172 11.03 8.53 -10.55
CA GLU A 172 12.25 8.93 -11.27
C GLU A 172 11.89 9.99 -12.32
N ALA A 173 10.82 9.75 -13.09
CA ALA A 173 10.41 10.70 -14.13
C ALA A 173 9.96 12.04 -13.54
N ILE A 174 9.25 11.99 -12.41
CA ILE A 174 8.80 13.22 -11.77
C ILE A 174 10.03 14.02 -11.28
N ARG A 175 10.97 13.33 -10.65
CA ARG A 175 12.17 14.01 -10.15
C ARG A 175 12.95 14.64 -11.28
N ALA A 176 12.88 14.05 -12.47
CA ALA A 176 13.61 14.55 -13.62
C ALA A 176 12.94 15.73 -14.33
N LEU A 177 11.72 16.07 -13.93
CA LEU A 177 11.04 17.22 -14.57
C LEU A 177 11.86 18.48 -14.28
N PRO A 178 12.06 19.33 -15.30
CA PRO A 178 12.78 20.58 -15.03
C PRO A 178 11.89 21.41 -14.12
N GLY A 179 12.43 22.02 -13.09
CA GLY A 179 11.53 22.78 -12.24
C GLY A 179 11.13 22.02 -10.99
N VAL A 180 11.23 20.69 -11.00
CA VAL A 180 11.03 19.93 -9.76
C VAL A 180 12.34 19.85 -9.02
N GLU A 181 12.32 20.27 -7.76
CA GLU A 181 13.51 20.24 -6.93
C GLU A 181 13.62 19.00 -6.04
N ARG A 182 12.48 18.53 -5.52
CA ARG A 182 12.47 17.29 -4.73
C ARG A 182 11.11 16.66 -4.99
N ALA A 183 11.04 15.34 -4.84
CA ALA A 183 9.73 14.69 -4.92
C ALA A 183 9.80 13.40 -4.14
N GLU A 184 8.64 12.95 -3.66
CA GLU A 184 8.60 11.69 -2.90
C GLU A 184 7.24 11.01 -3.10
N LEU A 185 7.27 9.68 -3.08
CA LEU A 185 6.05 8.87 -3.02
C LEU A 185 5.56 8.87 -1.56
N CYS A 186 4.37 9.39 -1.38
CA CYS A 186 3.78 9.55 -0.04
C CYS A 186 2.57 8.63 0.14
N GLY A 187 1.50 9.11 0.77
CA GLY A 187 0.33 8.32 1.07
C GLY A 187 0.64 7.04 1.81
N SER A 188 -0.28 6.09 1.68
CA SER A 188 -0.14 4.82 2.40
C SER A 188 1.03 3.97 1.94
N ALA A 189 1.49 4.19 0.72
CA ALA A 189 2.68 3.47 0.25
C ALA A 189 3.90 3.83 1.10
N ARG A 190 4.08 5.13 1.42
CA ARG A 190 5.22 5.51 2.27
C ARG A 190 5.13 4.94 3.69
N ARG A 191 3.91 4.62 4.11
CA ARG A 191 3.69 4.00 5.43
C ARG A 191 3.82 2.46 5.37
N TYR A 192 4.08 1.90 4.16
CA TYR A 192 4.29 0.45 3.96
C TYR A 192 3.03 -0.37 4.26
N LYS A 193 1.86 0.27 4.14
CA LYS A 193 0.60 -0.45 4.25
C LYS A 193 0.56 -1.55 3.21
N ASP A 194 0.01 -2.72 3.57
CA ASP A 194 0.19 -3.88 2.69
C ASP A 194 -0.69 -3.86 1.43
N THR A 195 -1.74 -3.04 1.44
CA THR A 195 -2.54 -2.78 0.23
C THR A 195 -2.71 -1.29 0.16
N VAL A 196 -2.77 -0.78 -1.06
CA VAL A 196 -2.85 0.66 -1.30
C VAL A 196 -3.98 1.00 -2.24
N GLY A 197 -4.56 2.18 -2.05
CA GLY A 197 -5.48 2.74 -3.04
C GLY A 197 -4.66 3.50 -4.07
N ASP A 198 -5.05 4.73 -4.34
CA ASP A 198 -4.28 5.52 -5.29
C ASP A 198 -2.87 5.82 -4.75
N LEU A 199 -1.97 6.20 -5.66
CA LEU A 199 -0.61 6.58 -5.28
C LEU A 199 -0.51 8.09 -5.26
N ASP A 200 0.22 8.63 -4.29
CA ASP A 200 0.25 10.07 -4.05
C ASP A 200 1.70 10.54 -4.06
N PHE A 201 1.99 11.59 -4.84
CA PHE A 201 3.34 12.10 -4.92
C PHE A 201 3.33 13.57 -4.56
N LEU A 202 4.37 13.95 -3.82
CA LEU A 202 4.58 15.33 -3.44
C LEU A 202 5.77 15.87 -4.19
N VAL A 203 5.62 17.07 -4.75
CA VAL A 203 6.72 17.77 -5.45
C VAL A 203 7.03 19.10 -4.79
N ALA A 204 8.32 19.43 -4.67
CA ALA A 204 8.76 20.81 -4.37
C ALA A 204 9.10 21.54 -5.66
N SER A 205 8.46 22.69 -5.88
CA SER A 205 8.76 23.48 -7.06
C SER A 205 8.42 24.93 -6.81
N ARG A 206 9.21 25.82 -7.40
CA ARG A 206 8.93 27.25 -7.36
C ARG A 206 7.94 27.65 -8.43
N GLU A 207 7.70 26.72 -9.36
CA GLU A 207 6.83 26.97 -10.49
C GLU A 207 5.82 25.83 -10.58
N GLY A 208 4.91 25.81 -9.63
CA GLY A 208 4.03 24.64 -9.43
C GLY A 208 3.11 24.35 -10.62
N GLU A 209 2.52 25.37 -11.22
CA GLU A 209 1.57 25.18 -12.32
C GLU A 209 2.31 24.58 -13.53
N ARG A 210 3.53 25.05 -13.74
CA ARG A 210 4.36 24.51 -14.81
C ARG A 210 4.86 23.10 -14.49
N ALA A 211 5.06 22.79 -13.20
CA ALA A 211 5.44 21.43 -12.83
C ALA A 211 4.26 20.46 -13.06
N VAL A 212 3.05 20.90 -12.72
CA VAL A 212 1.86 20.12 -13.00
C VAL A 212 1.76 19.86 -14.51
N GLU A 213 2.04 20.88 -15.32
CA GLU A 213 1.93 20.72 -16.76
C GLU A 213 2.92 19.68 -17.27
N GLY A 214 4.18 19.75 -16.82
CA GLY A 214 5.15 18.77 -17.26
C GLY A 214 4.76 17.37 -16.78
N PHE A 215 4.20 17.30 -15.56
CA PHE A 215 3.80 16.02 -15.02
C PHE A 215 2.74 15.36 -15.88
N VAL A 216 1.68 16.11 -16.24
CA VAL A 216 0.55 15.48 -16.93
C VAL A 216 0.89 15.14 -18.37
N ARG A 217 2.01 15.66 -18.87
CA ARG A 217 2.50 15.39 -20.22
C ARG A 217 3.64 14.36 -20.25
N LEU A 218 3.95 13.74 -19.09
CA LEU A 218 4.96 12.70 -19.09
C LEU A 218 4.57 11.58 -20.05
N PRO A 219 5.58 10.96 -20.69
CA PRO A 219 5.29 9.81 -21.57
C PRO A 219 4.41 8.77 -20.91
N GLN A 220 4.56 8.57 -19.60
CA GLN A 220 3.82 7.54 -18.88
C GLN A 220 2.34 7.81 -18.70
N VAL A 221 1.89 9.05 -18.89
CA VAL A 221 0.53 9.43 -18.57
C VAL A 221 -0.41 9.11 -19.72
N LYS A 222 -1.52 8.46 -19.40
CA LYS A 222 -2.55 8.16 -20.38
C LYS A 222 -3.71 9.15 -20.43
N GLU A 223 -4.28 9.44 -19.26
CA GLU A 223 -5.52 10.25 -19.13
C GLU A 223 -5.35 11.20 -17.95
N VAL A 224 -5.77 12.45 -18.11
CA VAL A 224 -5.83 13.41 -16.99
C VAL A 224 -7.26 13.42 -16.48
N TYR A 225 -7.44 13.11 -15.20
CA TYR A 225 -8.75 13.14 -14.60
C TYR A 225 -9.07 14.53 -14.02
N ALA A 226 -8.10 15.16 -13.39
CA ALA A 226 -8.28 16.51 -12.85
C ALA A 226 -6.93 17.20 -12.90
N LYS A 227 -6.91 18.52 -13.13
CA LYS A 227 -5.64 19.26 -13.01
C LYS A 227 -5.89 20.72 -12.71
N GLY A 228 -5.01 21.25 -11.89
CA GLY A 228 -5.07 22.66 -11.53
C GLY A 228 -3.70 23.22 -11.31
N LYS A 229 -3.66 24.28 -10.54
CA LYS A 229 -2.46 25.04 -10.38
C LYS A 229 -1.40 24.32 -9.55
N GLU A 230 -1.85 23.46 -8.62
CA GLU A 230 -0.90 22.85 -7.72
C GLU A 230 -1.17 21.38 -7.50
N ARG A 231 -2.10 20.81 -8.28
CA ARG A 231 -2.46 19.42 -8.10
C ARG A 231 -2.97 18.81 -9.39
N ALA A 232 -2.89 17.49 -9.46
CA ALA A 232 -3.51 16.76 -10.58
C ALA A 232 -3.77 15.34 -10.17
N THR A 233 -4.74 14.74 -10.86
CA THR A 233 -4.97 13.32 -10.75
C THR A 233 -4.92 12.76 -12.16
N VAL A 234 -4.13 11.71 -12.36
CA VAL A 234 -3.95 11.12 -13.68
C VAL A 234 -4.04 9.61 -13.61
N PHE A 235 -4.22 9.01 -14.78
CA PHE A 235 -4.10 7.58 -14.92
C PHE A 235 -2.92 7.32 -15.86
N LEU A 236 -2.05 6.42 -15.46
CA LEU A 236 -0.89 6.10 -16.27
C LEU A 236 -1.26 5.06 -17.33
N LYS A 237 -0.41 4.96 -18.35
CA LYS A 237 -0.60 3.92 -19.37
C LYS A 237 -0.66 2.55 -18.71
N ASN A 238 0.12 2.36 -17.64
CA ASN A 238 0.15 1.06 -16.97
C ASN A 238 -1.01 0.85 -16.00
N GLY A 239 -1.93 1.81 -15.99
CA GLY A 239 -3.14 1.75 -15.19
C GLY A 239 -3.11 2.42 -13.84
N LEU A 240 -1.92 2.69 -13.29
CA LEU A 240 -1.78 3.29 -11.95
C LEU A 240 -2.59 4.62 -11.87
N GLN A 241 -3.37 4.79 -10.81
CA GLN A 241 -4.09 6.05 -10.54
C GLN A 241 -3.27 6.88 -9.59
N VAL A 242 -2.96 8.11 -10.00
CA VAL A 242 -1.94 8.91 -9.30
C VAL A 242 -2.43 10.31 -8.99
N ASP A 243 -2.26 10.73 -7.72
CA ASP A 243 -2.44 12.10 -7.32
C ASP A 243 -1.07 12.75 -7.17
N LEU A 244 -0.98 13.99 -7.65
CA LEU A 244 0.20 14.84 -7.43
C LEU A 244 -0.21 16.08 -6.65
N ARG A 245 0.63 16.48 -5.71
CA ARG A 245 0.49 17.79 -5.06
C ARG A 245 1.84 18.48 -5.12
N VAL A 246 1.78 19.79 -5.39
CA VAL A 246 2.98 20.62 -5.45
C VAL A 246 2.98 21.62 -4.31
N VAL A 247 4.12 21.81 -3.67
CA VAL A 247 4.26 22.88 -2.71
C VAL A 247 5.59 23.62 -2.99
N PRO A 248 5.75 24.84 -2.48
CA PRO A 248 7.02 25.53 -2.67
C PRO A 248 8.14 24.83 -1.91
N PRO A 249 9.39 25.03 -2.32
CA PRO A 249 10.49 24.32 -1.64
C PRO A 249 10.55 24.54 -0.13
N GLU A 250 10.17 25.74 0.31
CA GLU A 250 10.17 26.06 1.74
C GLU A 250 9.12 25.31 2.53
N SER A 251 8.21 24.64 1.81
CA SER A 251 7.09 23.91 2.40
C SER A 251 7.22 22.42 2.26
N TYR A 252 8.32 21.96 1.68
CA TYR A 252 8.40 20.54 1.27
C TYR A 252 8.17 19.57 2.43
N GLY A 253 8.80 19.83 3.58
CA GLY A 253 8.67 18.96 4.73
C GLY A 253 7.26 18.93 5.28
N ALA A 254 6.60 20.08 5.31
CA ALA A 254 5.19 20.14 5.71
C ALA A 254 4.32 19.38 4.69
N GLY A 255 4.64 19.51 3.40
CA GLY A 255 3.91 18.77 2.39
C GLY A 255 4.11 17.27 2.50
N LEU A 256 5.32 16.83 2.87
CA LEU A 256 5.57 15.39 3.08
C LEU A 256 4.70 14.89 4.22
N GLN A 257 4.65 15.62 5.35
CA GLN A 257 3.84 15.16 6.47
C GLN A 257 2.36 15.09 6.01
N TYR A 258 1.88 16.15 5.37
CA TYR A 258 0.48 16.22 4.97
C TYR A 258 0.11 15.03 4.09
N LEU A 259 0.92 14.79 3.06
CA LEU A 259 0.55 13.81 2.06
C LEU A 259 0.82 12.36 2.49
N THR A 260 1.59 12.19 3.56
CA THR A 260 1.88 10.84 4.07
C THR A 260 0.82 10.37 5.05
N GLY A 261 0.23 11.31 5.80
CA GLY A 261 -0.76 10.95 6.79
C GLY A 261 -0.22 9.92 7.77
N SER A 262 -1.02 8.95 8.22
CA SER A 262 -2.45 8.83 7.94
C SER A 262 -3.21 10.08 8.38
N ASP A 263 -4.46 10.18 7.94
CA ASP A 263 -5.31 11.27 8.35
C ASP A 263 -5.36 11.32 9.88
N ALA A 264 -5.51 10.15 10.53
CA ALA A 264 -5.58 10.14 11.99
C ALA A 264 -4.31 10.69 12.65
N HIS A 265 -3.15 10.35 12.10
CA HIS A 265 -1.89 10.91 12.60
C HIS A 265 -1.84 12.42 12.44
N SER A 266 -2.23 12.92 11.27
CA SER A 266 -2.18 14.35 11.01
C SER A 266 -3.15 15.09 11.92
N ILE A 267 -4.34 14.52 12.20
CA ILE A 267 -5.25 15.16 13.12
C ILE A 267 -4.55 15.37 14.49
N ARG A 268 -3.85 14.36 14.96
CA ARG A 268 -3.12 14.49 16.22
C ARG A 268 -2.10 15.61 16.17
N LEU A 269 -1.35 15.68 15.09
CA LEU A 269 -0.30 16.71 14.97
C LEU A 269 -0.89 18.12 14.91
N ARG A 270 -1.97 18.32 14.16
CA ARG A 270 -2.55 19.65 14.06
C ARG A 270 -3.04 20.15 15.43
N ALA A 271 -3.56 19.24 16.24
CA ALA A 271 -4.02 19.62 17.59
C ALA A 271 -2.83 19.97 18.46
N LEU A 272 -1.75 19.19 18.41
CA LEU A 272 -0.54 19.51 19.17
C LEU A 272 -0.03 20.87 18.77
N ALA A 273 -0.04 21.18 17.47
CA ALA A 273 0.39 22.50 17.03
C ALA A 273 -0.44 23.62 17.67
N GLN A 274 -1.76 23.55 17.55
CA GLN A 274 -2.63 24.63 18.03
C GLN A 274 -2.57 24.76 19.56
N GLU A 275 -2.35 23.65 20.24
CA GLU A 275 -2.20 23.64 21.70
C GLU A 275 -0.99 24.43 22.19
N LYS A 276 0.01 24.63 21.33
CA LYS A 276 1.19 25.43 21.67
C LYS A 276 1.23 26.73 20.83
N GLY A 277 0.06 27.14 20.33
CA GLY A 277 -0.07 28.39 19.63
C GLY A 277 0.40 28.44 18.18
N LEU A 278 0.50 27.26 17.57
CA LEU A 278 0.97 27.11 16.19
C LEU A 278 -0.13 26.55 15.29
N LYS A 279 -0.01 26.75 13.98
CA LYS A 279 -0.88 26.07 13.01
C LYS A 279 -0.02 25.23 12.08
N LEU A 280 -0.38 23.95 11.97
CA LEU A 280 0.25 23.05 11.01
C LEU A 280 -0.63 22.95 9.79
N SER A 281 -0.08 23.26 8.61
CA SER A 281 -0.78 23.04 7.38
C SER A 281 0.16 22.36 6.42
N GLU A 282 -0.36 22.08 5.23
CA GLU A 282 0.47 21.55 4.16
C GLU A 282 1.65 22.46 3.80
N TYR A 283 1.52 23.75 4.12
CA TYR A 283 2.55 24.72 3.73
C TYR A 283 3.60 25.08 4.79
N GLY A 284 3.41 24.62 6.01
CA GLY A 284 4.40 24.82 7.07
C GLY A 284 3.80 24.77 8.46
N VAL A 285 4.61 25.12 9.44
CA VAL A 285 4.18 25.37 10.79
C VAL A 285 4.27 26.88 10.99
N PHE A 286 3.19 27.47 11.46
CA PHE A 286 3.04 28.95 11.54
C PHE A 286 2.75 29.41 12.95
N ARG A 287 3.42 30.48 13.36
CA ARG A 287 2.99 31.19 14.56
C ARG A 287 2.37 32.51 14.09
N GLY A 288 1.06 32.61 14.23
CA GLY A 288 0.32 33.66 13.56
C GLY A 288 0.61 33.54 12.06
N GLU A 289 1.06 34.63 11.45
CA GLU A 289 1.30 34.66 10.02
C GLU A 289 2.72 34.23 9.64
N LYS A 290 3.58 34.06 10.65
CA LYS A 290 4.99 33.75 10.44
C LYS A 290 5.22 32.25 10.30
N ARG A 291 5.83 31.87 9.18
CA ARG A 291 6.20 30.47 8.96
C ARG A 291 7.50 30.19 9.73
N ILE A 292 7.43 29.31 10.72
CA ILE A 292 8.57 28.95 11.56
C ILE A 292 9.24 27.62 11.21
N ALA A 293 8.55 26.80 10.40
CA ALA A 293 9.11 25.54 9.92
C ALA A 293 8.40 25.12 8.67
N GLY A 294 9.03 24.25 7.89
CA GLY A 294 8.37 23.76 6.72
C GLY A 294 9.28 23.08 5.74
N GLU A 295 10.57 23.37 5.78
CA GLU A 295 11.47 22.93 4.69
C GLU A 295 11.78 21.43 4.74
N THR A 296 11.96 20.88 5.93
CA THR A 296 12.21 19.47 6.05
C THR A 296 11.20 18.87 7.01
N GLU A 297 10.98 17.57 6.86
CA GLU A 297 10.01 16.93 7.72
C GLU A 297 10.46 16.92 9.18
N GLU A 298 11.76 16.75 9.41
CA GLU A 298 12.26 16.74 10.78
C GLU A 298 12.07 18.11 11.43
N GLU A 299 12.24 19.19 10.66
CA GLU A 299 11.99 20.53 11.19
C GLU A 299 10.53 20.69 11.62
N VAL A 300 9.63 20.18 10.80
CA VAL A 300 8.20 20.26 11.13
C VAL A 300 7.90 19.54 12.44
N TYR A 301 8.36 18.29 12.57
CA TYR A 301 8.18 17.58 13.84
C TYR A 301 8.79 18.36 15.02
N ALA A 302 10.00 18.89 14.82
CA ALA A 302 10.68 19.62 15.88
C ALA A 302 9.88 20.84 16.34
N ALA A 303 9.27 21.57 15.41
CA ALA A 303 8.48 22.75 15.76
C ALA A 303 7.27 22.38 16.61
N LEU A 304 6.78 21.16 16.45
CA LEU A 304 5.68 20.67 17.29
C LEU A 304 6.18 20.09 18.63
N GLY A 305 7.50 20.13 18.86
CA GLY A 305 8.13 19.55 20.06
C GLY A 305 8.31 18.05 20.01
N LEU A 306 8.40 17.49 18.81
CA LEU A 306 8.48 16.03 18.67
C LEU A 306 9.73 15.61 17.94
N PRO A 307 10.26 14.41 18.26
CA PRO A 307 11.20 13.78 17.36
C PRO A 307 10.52 13.38 16.06
N TRP A 308 11.31 13.18 15.01
CA TRP A 308 10.75 12.76 13.73
C TRP A 308 10.18 11.34 13.89
N ILE A 309 8.95 11.13 13.39
CA ILE A 309 8.29 9.83 13.53
C ILE A 309 8.34 9.05 12.21
N PRO A 310 8.94 7.85 12.22
CA PRO A 310 8.98 7.06 10.95
C PRO A 310 7.58 6.86 10.34
N PRO A 311 7.45 7.05 9.01
CA PRO A 311 6.12 6.90 8.38
C PRO A 311 5.33 5.62 8.69
N PRO A 312 5.97 4.44 8.78
CA PRO A 312 5.17 3.24 9.08
C PRO A 312 4.44 3.29 10.41
N LEU A 313 4.92 4.13 11.34
CA LEU A 313 4.24 4.26 12.64
C LEU A 313 3.04 5.20 12.61
N ARG A 314 2.87 5.95 11.52
CA ARG A 314 1.94 7.10 11.53
C ARG A 314 0.48 6.68 11.31
N GLU A 315 -0.05 6.01 12.33
CA GLU A 315 -1.38 5.40 12.25
C GLU A 315 -2.27 5.77 13.44
N ASP A 316 -1.78 6.67 14.29
CA ASP A 316 -2.42 7.01 15.55
C ASP A 316 -2.73 5.75 16.38
N GLN A 317 -1.69 4.94 16.56
CA GLN A 317 -1.76 3.73 17.36
C GLN A 317 -0.66 3.69 18.41
N GLY A 318 -0.44 4.85 19.02
CA GLY A 318 0.47 4.95 20.14
C GLY A 318 1.74 5.75 19.86
N GLU A 319 1.98 6.06 18.58
CA GLU A 319 3.25 6.72 18.22
C GLU A 319 3.30 8.18 18.65
N VAL A 320 2.14 8.85 18.70
CA VAL A 320 2.15 10.25 19.12
C VAL A 320 2.51 10.34 20.61
N GLU A 321 1.88 9.48 21.41
CA GLU A 321 2.21 9.41 22.85
C GLU A 321 3.68 9.03 23.07
N ALA A 322 4.19 8.06 22.31
CA ALA A 322 5.60 7.65 22.47
C ALA A 322 6.51 8.83 22.09
N ALA A 323 6.19 9.55 21.03
CA ALA A 323 7.02 10.70 20.63
C ALA A 323 7.00 11.79 21.69
N LEU A 324 5.80 12.06 22.26
CA LEU A 324 5.66 13.09 23.31
C LEU A 324 6.53 12.77 24.51
N GLU A 325 6.72 11.49 24.78
CA GLU A 325 7.48 11.08 25.96
C GLU A 325 8.95 10.78 25.62
N GLY A 326 9.33 11.00 24.36
CA GLY A 326 10.72 10.78 23.94
C GLY A 326 11.12 9.31 23.96
N ARG A 327 10.16 8.45 23.64
CA ARG A 327 10.33 7.00 23.71
C ARG A 327 9.76 6.28 22.47
N LEU A 328 10.04 6.81 21.30
CA LEU A 328 9.72 6.07 20.08
C LEU A 328 10.38 4.71 20.11
N PRO A 329 9.73 3.69 19.53
CA PRO A 329 10.33 2.34 19.50
C PRO A 329 11.56 2.29 18.61
N LYS A 330 12.53 1.49 18.99
CA LYS A 330 13.62 1.15 18.08
C LYS A 330 13.06 0.25 17.01
N LEU A 331 13.32 0.61 15.76
CA LEU A 331 12.75 -0.19 14.66
C LEU A 331 13.83 -0.89 13.86
N LEU A 332 13.49 -2.10 13.39
CA LEU A 332 14.31 -2.85 12.44
C LEU A 332 14.50 -2.00 11.20
N GLU A 333 15.72 -1.97 10.69
CA GLU A 333 16.00 -1.28 9.44
CA GLU A 333 16.05 -1.26 9.48
C GLU A 333 16.63 -2.23 8.45
N LEU A 334 16.44 -1.95 7.17
CA LEU A 334 16.87 -2.86 6.14
C LEU A 334 18.37 -3.24 6.16
N PRO A 335 19.29 -2.29 6.42
CA PRO A 335 20.69 -2.70 6.54
C PRO A 335 21.04 -3.69 7.65
N GLN A 336 20.17 -3.82 8.66
CA GLN A 336 20.39 -4.75 9.76
C GLN A 336 20.07 -6.17 9.37
N VAL A 337 19.33 -6.36 8.27
CA VAL A 337 18.96 -7.70 7.83
C VAL A 337 20.14 -8.33 7.11
N LYS A 338 20.56 -9.46 7.64
CA LYS A 338 21.79 -10.12 7.19
C LYS A 338 21.52 -11.30 6.24
N GLY A 339 20.25 -11.61 5.99
CA GLY A 339 19.94 -12.64 5.04
C GLY A 339 18.45 -12.83 4.95
N ASP A 340 18.07 -13.72 4.04
CA ASP A 340 16.64 -13.98 3.70
C ASP A 340 16.40 -15.44 4.09
N LEU A 341 15.37 -15.68 4.90
CA LEU A 341 15.19 -16.98 5.54
C LEU A 341 14.10 -17.84 4.88
N GLN A 342 13.73 -17.52 3.64
CA GLN A 342 12.95 -18.50 2.86
C GLN A 342 13.11 -18.20 1.38
N VAL A 343 13.95 -18.99 0.74
CA VAL A 343 14.17 -18.92 -0.69
C VAL A 343 14.12 -20.31 -1.28
N HIS A 344 13.60 -20.42 -2.48
CA HIS A 344 13.39 -21.71 -3.13
C HIS A 344 14.35 -21.87 -4.30
N SER A 345 14.59 -23.11 -4.69
CA SER A 345 15.58 -23.40 -5.75
C SER A 345 15.05 -24.44 -6.70
N THR A 346 15.88 -24.73 -7.71
CA THR A 346 15.61 -25.81 -8.66
C THR A 346 15.49 -27.20 -8.02
N TYR A 347 15.94 -27.37 -6.78
CA TYR A 347 15.68 -28.63 -6.04
C TYR A 347 14.16 -28.87 -5.87
N SER A 348 13.34 -27.81 -5.94
CA SER A 348 11.87 -27.93 -5.90
C SER A 348 11.24 -27.00 -6.93
N ASP A 349 10.54 -25.95 -6.48
CA ASP A 349 9.76 -25.06 -7.34
C ASP A 349 10.40 -23.73 -7.71
N GLY A 350 11.64 -23.52 -7.29
CA GLY A 350 12.33 -22.29 -7.67
C GLY A 350 12.99 -22.39 -9.04
N GLN A 351 13.19 -21.24 -9.68
CA GLN A 351 13.86 -21.19 -10.97
C GLN A 351 15.38 -21.20 -10.90
N ASN A 352 15.94 -20.91 -9.72
CA ASN A 352 17.40 -20.70 -9.65
C ASN A 352 18.18 -21.85 -9.09
N THR A 353 19.39 -22.03 -9.62
CA THR A 353 20.36 -22.95 -9.05
C THR A 353 20.96 -22.34 -7.77
N LEU A 354 21.65 -23.19 -7.02
CA LEU A 354 22.37 -22.70 -5.84
C LEU A 354 23.34 -21.58 -6.23
N GLU A 355 24.09 -21.77 -7.33
CA GLU A 355 25.05 -20.77 -7.75
C GLU A 355 24.34 -19.42 -7.97
N GLU A 356 23.18 -19.45 -8.62
CA GLU A 356 22.49 -18.19 -8.91
C GLU A 356 21.98 -17.52 -7.64
N LEU A 357 21.51 -18.32 -6.69
CA LEU A 357 20.99 -17.77 -5.42
C LEU A 357 22.13 -17.14 -4.65
N TRP A 358 23.26 -17.84 -4.61
CA TRP A 358 24.45 -17.36 -3.90
C TRP A 358 24.92 -16.05 -4.50
N GLU A 359 25.01 -16.02 -5.83
CA GLU A 359 25.48 -14.82 -6.50
C GLU A 359 24.57 -13.63 -6.18
N ALA A 360 23.25 -13.85 -6.18
CA ALA A 360 22.31 -12.78 -5.89
C ALA A 360 22.47 -12.31 -4.43
N ALA A 361 22.59 -13.25 -3.51
CA ALA A 361 22.77 -12.89 -2.09
C ALA A 361 24.07 -12.12 -1.88
N LYS A 362 25.12 -12.50 -2.62
CA LYS A 362 26.40 -11.85 -2.49
C LYS A 362 26.28 -10.40 -2.96
N THR A 363 25.60 -10.19 -4.09
CA THR A 363 25.34 -8.85 -4.63
C THR A 363 24.60 -7.97 -3.63
N MET A 364 23.71 -8.57 -2.87
CA MET A 364 22.90 -7.83 -1.91
C MET A 364 23.62 -7.58 -0.59
N GLY A 365 24.82 -8.14 -0.44
CA GLY A 365 25.56 -7.94 0.80
C GLY A 365 25.09 -8.77 1.98
N TYR A 366 24.29 -9.78 1.69
CA TYR A 366 23.87 -10.69 2.76
C TYR A 366 25.02 -11.57 3.28
N ARG A 367 24.88 -11.99 4.53
CA ARG A 367 25.77 -12.96 5.15
C ARG A 367 25.36 -14.39 4.91
N TYR A 368 24.07 -14.61 4.65
CA TYR A 368 23.55 -15.95 4.45
C TYR A 368 22.22 -15.88 3.72
N LEU A 369 21.81 -17.04 3.23
CA LEU A 369 20.49 -17.22 2.59
C LEU A 369 20.00 -18.60 2.93
N ALA A 370 18.74 -18.75 3.35
CA ALA A 370 18.25 -20.09 3.64
C ALA A 370 17.51 -20.66 2.43
N VAL A 371 17.98 -21.80 1.94
CA VAL A 371 17.35 -22.46 0.81
C VAL A 371 16.37 -23.47 1.39
N THR A 372 15.08 -23.16 1.29
CA THR A 372 14.07 -23.90 2.05
C THR A 372 13.09 -24.51 1.05
N ASP A 373 13.50 -25.60 0.41
CA ASP A 373 12.66 -26.20 -0.61
C ASP A 373 11.50 -27.02 0.00
N HIS A 374 10.43 -27.14 -0.77
CA HIS A 374 9.23 -27.81 -0.29
C HIS A 374 9.44 -29.29 -0.05
N SER A 375 8.76 -29.78 0.99
CA SER A 375 8.61 -31.21 1.16
C SER A 375 7.62 -31.76 0.12
N PRO A 376 7.53 -33.10 -0.01
CA PRO A 376 6.77 -33.61 -1.15
C PRO A 376 5.27 -33.24 -1.25
N ALA A 377 4.58 -33.04 -0.12
CA ALA A 377 3.12 -32.74 -0.12
C ALA A 377 2.73 -31.31 -0.52
N VAL A 378 3.69 -30.40 -0.52
CA VAL A 378 3.38 -28.99 -0.76
C VAL A 378 3.02 -28.79 -2.22
N ARG A 379 3.72 -29.53 -3.08
CA ARG A 379 3.72 -29.26 -4.50
C ARG A 379 2.84 -30.26 -5.19
N VAL A 380 2.23 -31.12 -4.36
CA VAL A 380 1.40 -32.25 -4.78
C VAL A 380 2.17 -33.15 -5.73
N ALA A 381 3.48 -33.28 -5.50
CA ALA A 381 4.37 -34.03 -6.38
C ALA A 381 5.34 -34.96 -5.65
N GLY A 382 5.45 -36.19 -6.16
CA GLY A 382 6.26 -37.28 -5.58
C GLY A 382 7.44 -36.99 -4.65
N GLY A 383 8.30 -36.04 -5.03
CA GLY A 383 9.48 -35.71 -4.21
C GLY A 383 9.60 -34.22 -3.92
N PRO A 384 10.76 -33.78 -3.39
CA PRO A 384 11.94 -34.57 -2.97
C PRO A 384 11.69 -35.46 -1.79
N SER A 385 11.98 -36.75 -1.96
CA SER A 385 11.84 -37.78 -0.93
C SER A 385 12.71 -37.50 0.29
N PRO A 386 12.44 -38.18 1.44
CA PRO A 386 13.33 -37.94 2.59
C PRO A 386 14.79 -38.25 2.27
N GLU A 387 15.06 -39.34 1.56
CA GLU A 387 16.43 -39.68 1.18
C GLU A 387 17.05 -38.59 0.29
N GLU A 388 16.29 -38.11 -0.68
CA GLU A 388 16.74 -37.02 -1.56
C GLU A 388 16.96 -35.74 -0.78
N ALA A 389 16.08 -35.45 0.16
CA ALA A 389 16.26 -34.27 0.99
C ALA A 389 17.58 -34.29 1.71
N LEU A 390 17.96 -35.44 2.28
CA LEU A 390 19.27 -35.51 2.93
C LEU A 390 20.44 -35.45 1.96
N LYS A 391 20.28 -36.02 0.76
CA LYS A 391 21.30 -35.91 -0.27
C LYS A 391 21.53 -34.43 -0.60
N ARG A 392 20.43 -33.70 -0.72
CA ARG A 392 20.51 -32.24 -0.94
C ARG A 392 21.21 -31.48 0.19
N VAL A 393 20.99 -31.86 1.45
CA VAL A 393 21.70 -31.22 2.54
C VAL A 393 23.21 -31.37 2.30
N GLY A 394 23.63 -32.57 1.91
CA GLY A 394 25.05 -32.80 1.65
C GLY A 394 25.56 -31.96 0.51
N GLU A 395 24.75 -31.80 -0.53
CA GLU A 395 25.13 -30.95 -1.65
C GLU A 395 25.27 -29.48 -1.25
N ILE A 396 24.38 -29.01 -0.40
CA ILE A 396 24.47 -27.62 0.03
C ILE A 396 25.69 -27.43 0.93
N ARG A 397 25.98 -28.41 1.78
CA ARG A 397 27.19 -28.33 2.62
C ARG A 397 28.43 -28.28 1.73
N ARG A 398 28.50 -29.12 0.70
CA ARG A 398 29.63 -29.09 -0.23
C ARG A 398 29.69 -27.75 -0.99
N PHE A 399 28.54 -27.19 -1.34
CA PHE A 399 28.50 -25.87 -1.99
C PHE A 399 29.13 -24.82 -1.07
N ASN A 400 28.76 -24.82 0.21
CA ASN A 400 29.36 -23.89 1.16
C ASN A 400 30.86 -24.12 1.27
N GLU A 401 31.27 -25.38 1.30
CA GLU A 401 32.70 -25.72 1.39
C GLU A 401 33.48 -25.15 0.23
N THR A 402 32.86 -25.07 -0.96
CA THR A 402 33.57 -24.60 -2.14
C THR A 402 33.31 -23.13 -2.50
N HIS A 403 32.39 -22.48 -1.78
CA HIS A 403 32.02 -21.08 -2.08
C HIS A 403 32.25 -20.05 -0.98
N GLY A 404 32.00 -20.42 0.28
CA GLY A 404 32.07 -19.44 1.37
C GLY A 404 30.91 -18.45 1.36
N PRO A 405 31.01 -17.35 2.12
CA PRO A 405 29.88 -16.49 2.28
C PRO A 405 29.47 -15.82 0.99
N PRO A 406 28.16 -15.53 0.84
CA PRO A 406 27.09 -15.75 1.83
C PRO A 406 26.79 -17.23 1.96
N TYR A 407 26.71 -17.70 3.18
CA TYR A 407 26.49 -19.13 3.39
C TYR A 407 25.05 -19.51 3.09
N LEU A 408 24.86 -20.68 2.54
CA LEU A 408 23.52 -21.18 2.30
C LEU A 408 23.13 -22.08 3.47
N LEU A 409 21.96 -21.83 4.05
CA LEU A 409 21.42 -22.73 5.06
C LEU A 409 20.62 -23.79 4.34
N ALA A 410 20.87 -25.04 4.71
CA ALA A 410 20.15 -26.16 4.13
C ALA A 410 18.81 -26.28 4.88
N GLY A 411 17.75 -25.80 4.27
CA GLY A 411 16.45 -25.78 4.95
C GLY A 411 15.38 -26.54 4.20
N ALA A 412 14.20 -26.51 4.75
CA ALA A 412 13.02 -27.05 4.07
C ALA A 412 11.80 -26.31 4.52
N GLU A 413 10.84 -26.18 3.61
CA GLU A 413 9.51 -25.75 3.95
C GLU A 413 8.65 -27.00 4.02
N VAL A 414 8.38 -27.40 5.26
CA VAL A 414 7.80 -28.73 5.53
C VAL A 414 6.29 -28.60 5.71
N ASP A 415 5.55 -29.32 4.88
CA ASP A 415 4.11 -29.31 4.95
C ASP A 415 3.60 -29.90 6.29
N ILE A 416 2.56 -29.27 6.84
CA ILE A 416 1.86 -29.79 8.00
C ILE A 416 0.65 -30.58 7.50
N HIS A 417 0.63 -31.86 7.84
CA HIS A 417 -0.47 -32.70 7.40
C HIS A 417 -1.73 -32.31 8.12
N PRO A 418 -2.91 -32.72 7.60
CA PRO A 418 -4.14 -32.35 8.27
C PRO A 418 -4.18 -32.72 9.77
N ASP A 419 -3.57 -33.86 10.13
CA ASP A 419 -3.58 -34.32 11.52
C ASP A 419 -2.46 -33.70 12.37
N GLY A 420 -1.72 -32.74 11.81
CA GLY A 420 -0.67 -32.06 12.59
C GLY A 420 0.72 -32.68 12.52
N THR A 421 0.83 -33.91 12.01
CA THR A 421 2.15 -34.48 11.74
C THR A 421 2.83 -33.73 10.61
N LEU A 422 4.14 -33.92 10.50
CA LEU A 422 4.92 -33.20 9.52
C LEU A 422 5.29 -34.10 8.35
N ASP A 423 5.57 -33.46 7.21
CA ASP A 423 5.77 -34.17 5.93
C ASP A 423 7.21 -34.59 5.68
N TYR A 424 8.09 -34.45 6.67
CA TYR A 424 9.37 -35.17 6.69
C TYR A 424 9.52 -35.83 8.05
N PRO A 425 10.19 -36.98 8.10
CA PRO A 425 10.48 -37.62 9.37
C PRO A 425 11.55 -36.85 10.16
N ASP A 426 11.62 -37.11 11.46
CA ASP A 426 12.59 -36.41 12.31
C ASP A 426 14.06 -36.62 11.93
N TRP A 427 14.36 -37.75 11.29
CA TRP A 427 15.73 -37.97 10.87
C TRP A 427 16.15 -37.05 9.73
N VAL A 428 15.19 -36.50 8.99
CA VAL A 428 15.49 -35.45 8.03
C VAL A 428 15.53 -34.13 8.78
N LEU A 429 14.49 -33.85 9.55
CA LEU A 429 14.44 -32.54 10.23
C LEU A 429 15.67 -32.20 11.09
N ARG A 430 16.17 -33.21 11.79
CA ARG A 430 17.29 -33.01 12.68
C ARG A 430 18.55 -32.63 11.92
N GLU A 431 18.63 -33.01 10.66
CA GLU A 431 19.82 -32.70 9.84
C GLU A 431 19.71 -31.38 9.07
N LEU A 432 18.51 -30.81 8.99
CA LEU A 432 18.36 -29.51 8.33
C LEU A 432 18.90 -28.39 9.21
N ASP A 433 19.47 -27.36 8.58
CA ASP A 433 19.83 -26.15 9.33
C ASP A 433 18.61 -25.37 9.77
N LEU A 434 17.58 -25.36 8.93
CA LEU A 434 16.42 -24.51 9.17
C LEU A 434 15.14 -25.22 8.76
N VAL A 435 14.24 -25.39 9.73
CA VAL A 435 12.98 -26.13 9.51
C VAL A 435 11.85 -25.13 9.60
N LEU A 436 11.20 -24.87 8.45
CA LEU A 436 9.96 -24.09 8.39
C LEU A 436 8.82 -25.07 8.29
N VAL A 437 7.71 -24.77 8.95
CA VAL A 437 6.50 -25.60 8.74
C VAL A 437 5.33 -24.70 8.35
N SER A 438 4.43 -25.21 7.51
CA SER A 438 3.31 -24.41 7.04
C SER A 438 2.19 -25.27 6.50
N VAL A 439 1.03 -24.64 6.43
CA VAL A 439 -0.21 -25.23 5.93
C VAL A 439 -0.31 -24.98 4.45
N HIS A 440 -0.59 -26.04 3.67
CA HIS A 440 -0.78 -25.94 2.23
C HIS A 440 -2.03 -26.67 1.75
N SER A 441 -2.85 -27.09 2.70
CA SER A 441 -4.02 -27.93 2.39
C SER A 441 -4.99 -27.81 3.53
N ARG A 442 -6.26 -28.15 3.27
CA ARG A 442 -7.30 -28.13 4.30
C ARG A 442 -7.33 -26.76 4.99
N PHE A 443 -7.43 -25.74 4.15
CA PHE A 443 -7.41 -24.37 4.64
C PHE A 443 -8.66 -23.99 5.41
N ASN A 444 -9.74 -24.75 5.20
CA ASN A 444 -11.04 -24.39 5.77
C ASN A 444 -11.48 -25.33 6.86
N LEU A 445 -10.54 -25.99 7.55
CA LEU A 445 -10.90 -26.72 8.77
C LEU A 445 -11.60 -25.79 9.74
N PRO A 446 -12.51 -26.34 10.56
CA PRO A 446 -13.03 -25.51 11.66
C PRO A 446 -11.88 -24.87 12.43
N LYS A 447 -12.08 -23.63 12.91
CA LYS A 447 -11.05 -22.90 13.68
C LYS A 447 -10.39 -23.76 14.78
N ALA A 448 -11.19 -24.51 15.56
CA ALA A 448 -10.61 -25.30 16.64
C ALA A 448 -9.73 -26.44 16.14
N ASP A 449 -10.11 -26.99 15.01
CA ASP A 449 -9.32 -28.08 14.42
C ASP A 449 -8.04 -27.56 13.77
N GLN A 450 -8.14 -26.41 13.09
CA GLN A 450 -6.94 -25.81 12.54
C GLN A 450 -5.97 -25.43 13.66
N THR A 451 -6.51 -24.88 14.75
CA THR A 451 -5.68 -24.55 15.91
C THR A 451 -4.98 -25.80 16.46
N LYS A 452 -5.73 -26.90 16.64
CA LYS A 452 -5.11 -28.12 17.14
C LYS A 452 -4.01 -28.63 16.21
N ARG A 453 -4.25 -28.55 14.89
CA ARG A 453 -3.27 -28.98 13.90
C ARG A 453 -1.98 -28.17 14.04
N LEU A 454 -2.09 -26.84 14.16
CA LEU A 454 -0.89 -25.99 14.29
C LEU A 454 -0.18 -26.26 15.62
N LEU A 455 -0.94 -26.45 16.70
CA LEU A 455 -0.34 -26.74 18.00
C LEU A 455 0.42 -28.06 17.96
N LYS A 456 -0.14 -29.03 17.25
CA LYS A 456 0.53 -30.33 17.13
C LYS A 456 1.84 -30.19 16.35
N ALA A 457 1.83 -29.36 15.30
CA ALA A 457 3.05 -29.12 14.53
C ALA A 457 4.13 -28.52 15.41
N LEU A 458 3.71 -27.62 16.29
CA LEU A 458 4.64 -26.93 17.19
C LEU A 458 5.18 -27.82 18.33
N GLU A 459 4.63 -29.02 18.49
CA GLU A 459 5.13 -30.01 19.44
C GLU A 459 6.47 -30.58 18.95
N ASN A 460 6.72 -30.51 17.66
CA ASN A 460 7.91 -31.16 17.12
C ASN A 460 9.14 -30.34 17.45
N PRO A 461 10.11 -30.95 18.15
CA PRO A 461 11.23 -30.16 18.68
C PRO A 461 12.26 -29.72 17.63
N PHE A 462 12.06 -30.11 16.39
CA PHE A 462 13.01 -29.74 15.34
C PHE A 462 12.56 -28.53 14.53
N VAL A 463 11.36 -28.04 14.83
CA VAL A 463 10.81 -26.90 14.08
C VAL A 463 11.44 -25.59 14.54
N HIS A 464 11.75 -24.73 13.57
CA HIS A 464 12.31 -23.41 13.88
C HIS A 464 11.37 -22.26 13.60
N VAL A 465 10.60 -22.34 12.53
CA VAL A 465 9.79 -21.20 12.08
C VAL A 465 8.42 -21.68 11.61
N LEU A 466 7.38 -20.95 12.00
CA LEU A 466 6.08 -21.13 11.41
CA LEU A 466 6.05 -21.09 11.41
C LEU A 466 6.00 -20.17 10.21
N ALA A 467 6.12 -20.75 9.01
CA ALA A 467 6.15 -19.95 7.77
C ALA A 467 4.76 -19.46 7.39
N HIS A 468 4.74 -18.29 6.75
CA HIS A 468 3.52 -17.60 6.25
C HIS A 468 2.27 -18.16 6.92
N PRO A 469 2.10 -17.83 8.20
CA PRO A 469 1.19 -18.65 9.03
C PRO A 469 -0.26 -18.66 8.60
N THR A 470 -0.79 -17.54 8.14
CA THR A 470 -2.21 -17.54 7.74
C THR A 470 -2.49 -18.16 6.37
N ALA A 471 -1.43 -18.37 5.59
CA ALA A 471 -1.53 -18.92 4.23
C ALA A 471 -2.30 -18.02 3.28
N ARG A 472 -2.56 -16.75 3.63
CA ARG A 472 -3.38 -15.92 2.77
C ARG A 472 -2.70 -15.62 1.43
N LEU A 473 -3.51 -15.35 0.41
CA LEU A 473 -3.02 -14.87 -0.86
C LEU A 473 -3.91 -13.68 -1.20
N LEU A 474 -3.32 -12.48 -1.23
CA LEU A 474 -4.12 -11.27 -1.43
C LEU A 474 -4.82 -11.35 -2.79
N GLY A 475 -6.14 -11.22 -2.76
CA GLY A 475 -6.95 -11.33 -3.96
C GLY A 475 -7.40 -12.73 -4.33
N ARG A 476 -6.92 -13.74 -3.61
CA ARG A 476 -7.20 -15.13 -3.95
C ARG A 476 -7.65 -16.04 -2.82
N ARG A 477 -7.09 -15.88 -1.64
CA ARG A 477 -7.41 -16.78 -0.53
C ARG A 477 -7.36 -16.02 0.78
N ALA A 478 -8.42 -16.16 1.56
CA ALA A 478 -8.49 -15.55 2.88
C ALA A 478 -7.52 -16.23 3.84
N PRO A 479 -7.09 -15.52 4.89
CA PRO A 479 -6.32 -16.17 5.95
C PRO A 479 -7.09 -17.37 6.53
N ILE A 480 -6.35 -18.41 6.90
CA ILE A 480 -7.00 -19.52 7.61
C ILE A 480 -7.51 -19.05 8.96
N GLU A 481 -8.59 -19.69 9.43
CA GLU A 481 -9.11 -19.40 10.76
C GLU A 481 -8.38 -20.23 11.81
N ALA A 482 -7.78 -19.55 12.77
CA ALA A 482 -7.04 -20.22 13.85
C ALA A 482 -6.99 -19.28 15.04
N ASP A 483 -6.86 -19.87 16.23
CA ASP A 483 -6.69 -19.06 17.44
C ASP A 483 -5.21 -18.66 17.51
N TRP A 484 -4.91 -17.45 17.00
CA TRP A 484 -3.51 -17.04 16.93
C TRP A 484 -2.88 -16.80 18.30
N GLU A 485 -3.69 -16.44 19.29
CA GLU A 485 -3.15 -16.30 20.62
C GLU A 485 -2.60 -17.65 21.09
N ALA A 486 -3.39 -18.71 20.90
CA ALA A 486 -2.95 -20.05 21.33
C ALA A 486 -1.74 -20.54 20.52
N VAL A 487 -1.76 -20.26 19.23
CA VAL A 487 -0.67 -20.69 18.36
C VAL A 487 0.62 -19.95 18.70
N PHE A 488 0.53 -18.62 18.84
CA PHE A 488 1.71 -17.83 19.13
C PHE A 488 2.24 -18.15 20.51
N GLN A 489 1.36 -18.42 21.47
CA GLN A 489 1.84 -18.69 22.81
C GLN A 489 2.61 -19.99 22.85
N LYS A 490 2.12 -21.01 22.13
CA LYS A 490 2.85 -22.26 22.04
C LYS A 490 4.18 -22.08 21.30
N ALA A 491 4.15 -21.33 20.20
CA ALA A 491 5.40 -21.05 19.49
C ALA A 491 6.41 -20.40 20.43
N LYS A 492 5.97 -19.41 21.21
CA LYS A 492 6.89 -18.72 22.12
C LYS A 492 7.52 -19.72 23.10
N GLU A 493 6.67 -20.58 23.66
CA GLU A 493 7.13 -21.50 24.69
C GLU A 493 8.06 -22.58 24.16
N LYS A 494 7.90 -22.91 22.87
CA LYS A 494 8.70 -23.93 22.20
C LYS A 494 9.93 -23.34 21.51
N GLY A 495 10.06 -22.02 21.53
CA GLY A 495 11.16 -21.37 20.84
C GLY A 495 11.07 -21.36 19.32
N VAL A 496 9.85 -21.29 18.79
CA VAL A 496 9.63 -21.25 17.35
C VAL A 496 9.31 -19.82 16.94
N ALA A 497 10.02 -19.31 15.94
CA ALA A 497 9.75 -17.96 15.40
C ALA A 497 8.53 -17.98 14.49
N VAL A 498 7.88 -16.83 14.32
CA VAL A 498 6.87 -16.68 13.29
C VAL A 498 7.43 -15.84 12.13
N GLU A 499 6.96 -16.13 10.92
CA GLU A 499 7.53 -15.51 9.74
C GLU A 499 6.73 -14.30 9.32
N ILE A 500 7.48 -13.30 8.81
CA ILE A 500 6.89 -12.26 7.97
C ILE A 500 7.44 -12.52 6.58
N ASP A 501 6.60 -13.12 5.74
CA ASP A 501 6.89 -13.47 4.34
C ASP A 501 6.43 -12.27 3.51
N GLY A 502 7.41 -11.50 3.05
CA GLY A 502 7.11 -10.30 2.29
C GLY A 502 6.82 -10.50 0.81
N TYR A 503 6.68 -11.75 0.36
CA TYR A 503 6.30 -11.94 -1.04
C TYR A 503 5.04 -11.10 -1.30
N TYR A 504 4.95 -10.46 -2.46
CA TYR A 504 4.07 -9.28 -2.57
C TYR A 504 2.58 -9.60 -2.32
N ASP A 505 2.12 -10.80 -2.71
CA ASP A 505 0.71 -11.12 -2.50
C ASP A 505 0.50 -12.06 -1.33
N ARG A 506 1.52 -12.24 -0.51
CA ARG A 506 1.37 -13.00 0.74
C ARG A 506 1.33 -12.02 1.91
N MET A 507 2.44 -11.32 2.18
CA MET A 507 2.48 -10.30 3.26
C MET A 507 1.94 -10.93 4.55
N ASP A 508 2.64 -11.98 4.97
CA ASP A 508 2.05 -12.95 5.93
C ASP A 508 3.19 -13.44 6.83
N LEU A 509 3.22 -13.10 8.14
CA LEU A 509 2.13 -12.47 8.88
C LEU A 509 1.82 -11.07 8.41
N PRO A 510 0.53 -10.72 8.39
CA PRO A 510 0.17 -9.29 8.21
C PRO A 510 0.68 -8.47 9.39
N ASP A 511 0.84 -7.16 9.17
CA ASP A 511 1.31 -6.25 10.19
C ASP A 511 0.63 -6.40 11.54
N ASP A 512 -0.69 -6.54 11.55
CA ASP A 512 -1.40 -6.58 12.81
C ASP A 512 -1.09 -7.85 13.60
N LEU A 513 -1.07 -9.00 12.92
CA LEU A 513 -0.66 -10.23 13.60
C LEU A 513 0.81 -10.24 13.98
N ALA A 514 1.68 -9.60 13.17
CA ALA A 514 3.08 -9.51 13.53
C ALA A 514 3.23 -8.64 14.78
N ARG A 515 2.43 -7.57 14.89
CA ARG A 515 2.50 -6.71 16.06
C ARG A 515 2.09 -7.50 17.31
N MET A 516 1.04 -8.30 17.18
CA MET A 516 0.60 -9.21 18.25
C MET A 516 1.70 -10.21 18.63
N ALA A 517 2.29 -10.89 17.64
CA ALA A 517 3.31 -11.87 17.94
C ALA A 517 4.52 -11.21 18.65
N TYR A 518 4.98 -10.08 18.14
CA TYR A 518 6.14 -9.45 18.76
C TYR A 518 5.81 -8.94 20.15
N GLY A 519 4.60 -8.43 20.33
CA GLY A 519 4.12 -7.99 21.64
C GLY A 519 4.01 -9.11 22.64
N MET A 520 3.71 -10.29 22.16
CA MET A 520 3.68 -11.47 23.02
C MET A 520 5.08 -12.02 23.32
N GLY A 521 6.13 -11.43 22.73
CA GLY A 521 7.51 -11.81 23.05
C GLY A 521 8.10 -12.89 22.12
N LEU A 522 7.48 -13.14 20.96
CA LEU A 522 8.01 -14.12 20.02
C LEU A 522 9.21 -13.61 19.22
N TRP A 523 9.99 -14.55 18.72
CA TRP A 523 10.97 -14.27 17.67
C TRP A 523 10.30 -14.21 16.30
N ILE A 524 10.92 -13.46 15.41
CA ILE A 524 10.40 -13.15 14.07
C ILE A 524 11.46 -13.57 13.04
N SER A 525 11.00 -14.17 11.94
CA SER A 525 11.84 -14.50 10.78
C SER A 525 11.31 -13.75 9.57
N LEU A 526 12.19 -13.04 8.87
CA LEU A 526 11.79 -12.33 7.64
C LEU A 526 12.22 -13.08 6.40
N SER A 527 11.37 -13.04 5.37
CA SER A 527 11.74 -13.72 4.12
C SER A 527 11.02 -13.11 2.94
N THR A 528 11.39 -13.58 1.75
CA THR A 528 10.71 -13.17 0.54
C THR A 528 10.01 -14.30 -0.21
N ASP A 529 10.19 -15.55 0.24
CA ASP A 529 9.56 -16.68 -0.49
C ASP A 529 10.06 -16.67 -1.94
N ALA A 530 11.31 -16.26 -2.16
CA ALA A 530 11.81 -16.07 -3.54
C ALA A 530 11.79 -17.35 -4.36
N HIS A 531 11.22 -17.25 -5.57
CA HIS A 531 11.31 -18.37 -6.53
C HIS A 531 12.07 -17.94 -7.77
N GLN A 532 12.55 -16.69 -7.75
CA GLN A 532 13.44 -16.18 -8.76
C GLN A 532 14.18 -15.04 -8.09
N THR A 533 15.33 -14.63 -8.63
CA THR A 533 16.13 -13.65 -7.90
C THR A 533 15.47 -12.27 -7.82
N ASP A 534 14.60 -11.94 -8.77
CA ASP A 534 13.87 -10.67 -8.71
C ASP A 534 12.99 -10.57 -7.46
N HIS A 535 12.63 -11.70 -6.87
CA HIS A 535 11.76 -11.64 -5.69
C HIS A 535 12.51 -11.20 -4.43
N LEU A 536 13.84 -11.21 -4.45
CA LEU A 536 14.60 -10.88 -3.24
C LEU A 536 14.39 -9.43 -2.83
N ARG A 537 13.96 -8.60 -3.77
CA ARG A 537 13.67 -7.20 -3.51
C ARG A 537 12.52 -7.03 -2.51
N PHE A 538 11.72 -8.08 -2.32
CA PHE A 538 10.58 -7.97 -1.40
C PHE A 538 10.98 -7.92 0.07
N MET A 539 12.28 -8.03 0.36
CA MET A 539 12.69 -7.94 1.76
C MET A 539 12.33 -6.56 2.32
N GLU A 540 12.38 -5.53 1.50
CA GLU A 540 11.97 -4.22 1.96
C GLU A 540 10.52 -4.19 2.46
N LEU A 541 9.66 -4.98 1.81
CA LEU A 541 8.26 -5.02 2.24
C LEU A 541 8.13 -5.70 3.62
N ALA A 542 8.90 -6.76 3.83
CA ALA A 542 8.89 -7.44 5.13
C ALA A 542 9.42 -6.51 6.23
N VAL A 543 10.47 -5.73 5.93
CA VAL A 543 10.98 -4.77 6.91
C VAL A 543 9.95 -3.66 7.15
N GLY A 544 9.31 -3.17 6.09
CA GLY A 544 8.28 -2.15 6.26
C GLY A 544 7.13 -2.66 7.16
N THR A 545 6.71 -3.90 6.94
CA THR A 545 5.74 -4.54 7.83
C THR A 545 6.22 -4.61 9.28
N ALA A 546 7.48 -5.03 9.47
CA ALA A 546 8.07 -5.04 10.82
C ALA A 546 7.99 -3.66 11.46
N GLN A 547 8.34 -2.63 10.72
CA GLN A 547 8.25 -1.26 11.26
C GLN A 547 6.83 -0.90 11.65
N ARG A 548 5.86 -1.21 10.80
CA ARG A 548 4.44 -0.95 11.14
C ARG A 548 4.02 -1.66 12.43
N ALA A 549 4.62 -2.83 12.66
CA ALA A 549 4.32 -3.66 13.83
C ALA A 549 5.18 -3.30 15.05
N TRP A 550 5.95 -2.20 14.97
CA TRP A 550 6.78 -1.72 16.09
C TRP A 550 7.89 -2.73 16.45
N ILE A 551 8.37 -3.46 15.42
CA ILE A 551 9.37 -4.50 15.64
C ILE A 551 10.76 -3.91 15.55
N GLY A 552 11.58 -4.16 16.56
CA GLY A 552 12.98 -3.75 16.49
C GLY A 552 13.91 -4.86 16.07
N PRO A 553 15.22 -4.61 16.09
CA PRO A 553 16.13 -5.68 15.71
C PRO A 553 16.23 -6.83 16.70
N GLU A 554 15.87 -6.58 17.96
CA GLU A 554 15.81 -7.63 18.96
C GLU A 554 14.75 -8.66 18.59
N ARG A 555 15.10 -9.90 18.80
CA ARG A 555 14.20 -11.02 18.52
C ARG A 555 13.84 -11.16 17.03
N VAL A 556 14.67 -10.62 16.13
CA VAL A 556 14.55 -10.88 14.69
C VAL A 556 15.72 -11.75 14.28
N LEU A 557 15.42 -12.97 13.81
CA LEU A 557 16.48 -13.92 13.45
C LEU A 557 17.45 -13.31 12.43
N ASN A 558 16.93 -12.53 11.47
CA ASN A 558 17.76 -12.05 10.37
C ASN A 558 18.77 -11.02 10.80
N THR A 559 18.68 -10.53 12.05
CA THR A 559 19.72 -9.59 12.49
C THR A 559 20.94 -10.28 13.11
N LEU A 560 20.85 -11.60 13.30
CA LEU A 560 21.95 -12.40 13.86
C LEU A 560 22.94 -12.66 12.76
N ASP A 561 24.24 -12.59 13.08
CA ASP A 561 25.20 -13.03 12.07
C ASP A 561 25.16 -14.55 11.93
N TYR A 562 25.86 -15.08 10.94
CA TYR A 562 25.77 -16.50 10.63
C TYR A 562 26.00 -17.41 11.85
N GLU A 563 27.10 -17.20 12.55
CA GLU A 563 27.42 -18.04 13.69
C GLU A 563 26.34 -17.93 14.78
N ASP A 564 25.87 -16.71 15.05
CA ASP A 564 24.87 -16.54 16.11
C ASP A 564 23.53 -17.14 15.69
N LEU A 565 23.22 -17.06 14.40
CA LEU A 565 21.99 -17.70 13.88
C LEU A 565 22.06 -19.20 14.05
N LEU A 566 23.18 -19.80 13.62
CA LEU A 566 23.33 -21.24 13.79
C LEU A 566 23.23 -21.66 15.26
N SER A 567 23.85 -20.88 16.14
CA SER A 567 23.76 -21.15 17.58
CA SER A 567 23.78 -21.15 17.57
C SER A 567 22.32 -21.15 18.05
N TRP A 568 21.56 -20.13 17.65
CA TRP A 568 20.13 -20.03 17.99
C TRP A 568 19.37 -21.27 17.52
N LEU A 569 19.63 -21.67 16.28
CA LEU A 569 18.93 -22.79 15.64
C LEU A 569 19.25 -24.13 16.32
N LYS A 570 20.46 -24.25 16.82
CA LYS A 570 20.92 -25.51 17.45
C LYS A 570 20.57 -25.60 18.93
N ALA A 571 20.25 -24.45 19.51
CA ALA A 571 20.14 -24.29 20.97
C ALA A 571 18.87 -24.95 21.49
N ARG A 572 18.90 -25.31 22.78
CA ARG A 572 17.67 -25.55 23.52
C ARG A 572 16.95 -24.21 23.58
N ARG A 573 15.75 -24.17 23.02
CA ARG A 573 15.01 -22.94 23.00
C ARG A 573 13.73 -23.11 23.78
N GLY A 574 13.03 -22.01 24.01
CA GLY A 574 11.76 -22.06 24.70
C GLY A 574 11.90 -22.15 26.21
N VAL A 575 10.77 -22.35 26.86
CA VAL A 575 10.73 -22.32 28.34
C VAL A 575 11.32 -23.60 28.92
PG DGT B . -5.14 4.81 0.52
O1G DGT B . -5.00 5.67 -0.71
O2G DGT B . -6.56 4.45 0.89
O3G DGT B . -4.23 3.58 0.46
O3B DGT B . -4.56 5.66 1.78
PB DGT B . -3.83 7.07 1.80
O1B DGT B . -3.37 7.33 3.20
O2B DGT B . -2.82 7.20 0.68
O3A DGT B . -5.04 8.11 1.54
PA DGT B . -5.39 9.19 0.41
O1A DGT B . -4.75 8.84 -0.90
O2A DGT B . -6.88 9.35 0.46
O5' DGT B . -4.79 10.53 0.98
C5' DGT B . -3.35 10.69 1.03
C4' DGT B . -2.98 11.44 2.30
O4' DGT B . -3.58 12.73 2.23
C3' DGT B . -3.49 10.85 3.60
O3' DGT B . -2.63 9.87 4.15
C2' DGT B . -3.55 12.06 4.54
C1' DGT B . -3.80 13.23 3.57
N9 DGT B . -5.18 13.72 3.68
C8 DGT B . -5.59 14.99 3.55
N7 DGT B . -6.93 15.08 3.69
C5 DGT B . -7.41 13.85 3.93
C6 DGT B . -8.74 13.24 4.18
O6 DGT B . -9.78 13.94 4.20
N1 DGT B . -8.80 11.90 4.39
C2 DGT B . -7.71 11.11 4.37
N2 DGT B . -7.83 9.76 4.59
N3 DGT B . -6.48 11.62 4.15
C4 DGT B . -6.27 12.95 3.92
ZN ZN C . 4.66 -22.12 1.58
CA CA D . -3.36 6.99 -1.63
CA CA E . -5.02 10.14 -3.01
CA CA F . 14.44 18.13 -11.72
CA CA G . -16.89 36.35 -9.17
CL CL H . 12.72 16.36 4.43
#